data_8BXH
#
_entry.id   8BXH
#
_cell.length_a   107.360
_cell.length_b   68.926
_cell.length_c   49.936
_cell.angle_alpha   90.000
_cell.angle_beta   99.510
_cell.angle_gamma   90.000
#
_symmetry.space_group_name_H-M   'C 1 2 1'
#
loop_
_entity.id
_entity.type
_entity.pdbx_description
1 polymer 'Tyrosine-protein kinase JAK2'
2 non-polymer Momelotinib
3 non-polymer 'MALONATE ION'
4 water water
#
_entity_poly.entity_id   1
_entity_poly.type   'polypeptide(L)'
_entity_poly.pdbx_seq_one_letter_code
;MHHHHHHSSGVDLGTENLYFQSMDPTQFEERHLKFLQQLGKGNFGSVEMCRYDPLQDNTGEVVAVKKLQHSTEEHLRDFE
REIEILKSLQHDNIVKYKGVCYSAGRRNLKLIMEYLPYGSLRDYLQKHKERIDHIKLLQYTSQICKGMEYLGTKRYIHRD
LATRNILVENENRVKIGDFGLTKVLPQDKE(PTR)(PTR)KVKEPGESPIFWYAPESLTESKFSVASDVWSFGVVLYELF
TYIEKSKSPPAEFMRMIGNDKQGQMIVFHLIELLKNNGRLPRPDGCPDEIYMIMTECWNNNVNQRPSFRDLALRVDQIRD
NMAG
;
_entity_poly.pdbx_strand_id   A
#
loop_
_chem_comp.id
_chem_comp.type
_chem_comp.name
_chem_comp.formula
C87 non-polymer Momelotinib 'C23 H22 N6 O2'
MLI non-polymer 'MALONATE ION' 'C3 H2 O4 -2'
#
# COMPACT_ATOMS: atom_id res chain seq x y z
N ASN A 17 20.99 -23.15 13.20
CA ASN A 17 21.32 -23.22 14.62
C ASN A 17 22.70 -22.63 14.93
N LEU A 18 23.74 -23.32 14.44
CA LEU A 18 25.10 -23.02 14.88
C LEU A 18 25.43 -21.54 14.76
N TYR A 19 25.05 -20.93 13.63
CA TYR A 19 25.29 -19.51 13.37
C TYR A 19 23.98 -18.87 12.96
N PHE A 20 23.54 -17.90 13.76
CA PHE A 20 22.25 -17.25 13.54
C PHE A 20 22.33 -16.30 12.35
N GLN A 21 21.18 -16.06 11.73
CA GLN A 21 21.10 -15.24 10.53
C GLN A 21 21.74 -13.87 10.75
N SER A 22 22.35 -13.34 9.69
CA SER A 22 23.02 -12.06 9.81
C SER A 22 22.02 -10.95 10.10
N MET A 23 22.33 -10.16 11.12
CA MET A 23 21.57 -8.95 11.43
C MET A 23 22.56 -7.96 12.01
N ASP A 24 22.28 -6.67 11.84
CA ASP A 24 23.17 -5.63 12.38
C ASP A 24 22.48 -5.00 13.58
N PRO A 25 22.61 -5.57 14.78
CA PRO A 25 21.91 -5.00 15.93
C PRO A 25 22.54 -3.73 16.50
N THR A 26 23.66 -3.26 15.97
CA THR A 26 24.25 -2.02 16.44
C THR A 26 23.96 -0.84 15.52
N GLN A 27 23.28 -1.09 14.39
CA GLN A 27 23.05 -0.04 13.42
C GLN A 27 22.09 1.01 13.98
N PHE A 28 21.03 0.57 14.63
CA PHE A 28 20.07 1.45 15.28
C PHE A 28 19.91 0.97 16.72
N GLU A 29 20.71 1.58 17.60
CA GLU A 29 20.67 1.25 19.02
C GLU A 29 19.55 2.04 19.68
N GLU A 30 18.76 1.35 20.52
CA GLU A 30 17.56 1.98 21.06
C GLU A 30 17.89 3.23 21.85
N ARG A 31 19.04 3.28 22.52
CA ARG A 31 19.35 4.44 23.35
C ARG A 31 19.54 5.71 22.53
N HIS A 32 19.80 5.60 21.23
CA HIS A 32 19.99 6.77 20.37
C HIS A 32 18.81 7.04 19.46
N LEU A 33 17.75 6.26 19.56
CA LEU A 33 16.56 6.44 18.75
C LEU A 33 15.56 7.25 19.55
N LYS A 34 15.36 8.50 19.15
CA LYS A 34 14.65 9.49 19.95
C LYS A 34 13.28 9.78 19.34
N PHE A 35 12.24 9.67 20.17
CA PHE A 35 10.88 9.90 19.72
C PHE A 35 10.68 11.35 19.28
N LEU A 36 10.04 11.53 18.13
CA LEU A 36 9.60 12.85 17.69
C LEU A 36 8.09 12.99 17.59
N GLN A 37 7.37 11.96 17.14
CA GLN A 37 5.94 12.11 16.89
C GLN A 37 5.32 10.74 16.66
N GLN A 38 4.06 10.60 17.05
CA GLN A 38 3.26 9.46 16.62
C GLN A 38 2.69 9.75 15.24
N LEU A 39 2.79 8.77 14.34
CA LEU A 39 2.34 8.93 12.96
C LEU A 39 1.10 8.14 12.62
N GLY A 40 0.80 7.05 13.30
CA GLY A 40 -0.42 6.34 13.02
C GLY A 40 -0.37 4.93 13.54
N LYS A 41 -1.56 4.32 13.58
CA LYS A 41 -1.73 2.93 13.99
C LYS A 41 -2.50 2.17 12.91
N GLY A 42 -2.06 0.96 12.63
CA GLY A 42 -2.75 0.08 11.70
C GLY A 42 -3.62 -0.93 12.42
N ASN A 43 -3.68 -2.15 11.87
CA ASN A 43 -4.37 -3.23 12.55
C ASN A 43 -3.45 -3.87 13.59
N PHE A 44 -2.23 -4.19 13.20
CA PHE A 44 -1.28 -4.87 14.06
C PHE A 44 -0.09 -4.00 14.46
N GLY A 45 0.04 -2.78 13.91
CA GLY A 45 1.24 -2.00 14.09
C GLY A 45 0.97 -0.54 14.42
N SER A 46 2.04 0.15 14.79
CA SER A 46 2.03 1.56 15.15
C SER A 46 3.31 2.14 14.59
N VAL A 47 3.25 3.38 14.10
CA VAL A 47 4.42 4.00 13.46
C VAL A 47 4.71 5.33 14.13
N GLU A 48 5.99 5.55 14.44
CA GLU A 48 6.47 6.80 14.98
C GLU A 48 7.50 7.44 14.08
N MET A 49 7.65 8.75 14.25
CA MET A 49 8.77 9.50 13.73
C MET A 49 9.81 9.60 14.84
N CYS A 50 11.06 9.29 14.50
CA CYS A 50 12.16 9.35 15.44
C CYS A 50 13.36 10.02 14.78
N ARG A 51 14.31 10.41 15.62
CA ARG A 51 15.60 10.91 15.16
C ARG A 51 16.65 9.96 15.67
N TYR A 52 17.56 9.55 14.81
CA TYR A 52 18.65 8.66 15.20
C TYR A 52 19.90 9.51 15.38
N ASP A 53 20.30 9.70 16.65
CA ASP A 53 21.26 10.72 17.10
C ASP A 53 22.39 10.04 17.85
N PRO A 54 23.23 9.27 17.16
CA PRO A 54 24.29 8.53 17.87
C PRO A 54 25.36 9.43 18.45
N LEU A 55 25.61 10.59 17.87
CA LEU A 55 26.54 11.55 18.44
C LEU A 55 25.85 12.45 19.45
N GLN A 56 24.90 11.88 20.21
CA GLN A 56 24.00 12.55 21.14
C GLN A 56 24.21 14.06 21.17
N ASP A 57 24.01 14.72 20.02
CA ASP A 57 24.22 16.15 19.90
C ASP A 57 22.99 16.87 19.34
N ASN A 58 21.82 16.23 19.41
CA ASN A 58 20.56 16.79 18.93
C ASN A 58 20.47 16.85 17.41
N THR A 59 21.26 16.02 16.72
CA THR A 59 21.19 15.90 15.27
C THR A 59 20.91 14.45 14.87
N GLY A 60 21.20 14.11 13.63
CA GLY A 60 20.97 12.77 13.11
C GLY A 60 19.85 12.74 12.08
N GLU A 61 19.71 11.58 11.43
CA GLU A 61 18.68 11.43 10.42
CA GLU A 61 18.68 11.43 10.42
C GLU A 61 17.33 11.20 11.08
N VAL A 62 16.29 11.72 10.46
CA VAL A 62 14.92 11.47 10.86
C VAL A 62 14.46 10.21 10.16
N VAL A 63 13.80 9.33 10.90
CA VAL A 63 13.38 8.03 10.39
C VAL A 63 11.96 7.74 10.85
N ALA A 64 11.32 6.81 10.17
CA ALA A 64 10.04 6.27 10.62
C ALA A 64 10.30 4.91 11.24
N VAL A 65 9.56 4.60 12.30
CA VAL A 65 9.81 3.42 13.12
C VAL A 65 8.48 2.70 13.26
N LYS A 66 8.39 1.50 12.71
CA LYS A 66 7.19 0.68 12.82
C LYS A 66 7.35 -0.33 13.94
N LYS A 67 6.34 -0.38 14.81
CA LYS A 67 6.28 -1.28 15.96
C LYS A 67 4.96 -2.02 15.90
N LEU A 68 4.88 -3.10 16.64
CA LEU A 68 3.61 -3.81 16.73
C LEU A 68 2.68 -3.16 17.76
N GLN A 69 1.36 -3.31 17.51
CA GLN A 69 0.35 -2.97 18.49
C GLN A 69 0.16 -4.09 19.51
N HIS A 70 0.16 -5.34 19.07
CA HIS A 70 0.01 -6.49 19.96
C HIS A 70 1.10 -7.50 19.62
N SER A 71 2.03 -7.70 20.55
CA SER A 71 3.26 -8.46 20.28
CA SER A 71 3.25 -8.46 20.27
C SER A 71 3.08 -9.93 20.66
N THR A 72 2.17 -10.58 19.95
CA THR A 72 2.05 -12.01 20.09
C THR A 72 3.17 -12.67 19.30
N GLU A 73 3.36 -13.96 19.55
CA GLU A 73 4.37 -14.70 18.81
C GLU A 73 4.09 -14.69 17.30
N GLU A 74 2.86 -15.04 16.90
CA GLU A 74 2.52 -15.15 15.49
C GLU A 74 2.75 -13.83 14.78
N HIS A 75 2.41 -12.73 15.45
CA HIS A 75 2.62 -11.41 14.86
C HIS A 75 4.10 -11.12 14.68
N LEU A 76 4.93 -11.53 15.63
CA LEU A 76 6.36 -11.30 15.50
CA LEU A 76 6.36 -11.31 15.50
C LEU A 76 6.92 -12.04 14.28
N ARG A 77 6.47 -13.27 14.05
CA ARG A 77 6.94 -14.03 12.89
C ARG A 77 6.53 -13.35 11.60
N ASP A 78 5.28 -12.93 11.50
CA ASP A 78 4.84 -12.20 10.32
C ASP A 78 5.61 -10.90 10.14
N PHE A 79 5.90 -10.21 11.25
CA PHE A 79 6.66 -8.94 11.16
C PHE A 79 8.07 -9.17 10.64
N GLU A 80 8.72 -10.26 11.07
CA GLU A 80 10.02 -10.61 10.51
C GLU A 80 9.95 -10.80 9.00
N ARG A 81 8.91 -11.48 8.52
CA ARG A 81 8.76 -11.67 7.08
C ARG A 81 8.58 -10.33 6.36
N GLU A 82 7.76 -9.45 6.94
CA GLU A 82 7.55 -8.11 6.38
C GLU A 82 8.86 -7.36 6.29
N ILE A 83 9.67 -7.43 7.36
CA ILE A 83 10.96 -6.76 7.38
C ILE A 83 11.86 -7.29 6.28
N GLU A 84 11.92 -8.61 6.13
CA GLU A 84 12.74 -9.20 5.08
C GLU A 84 12.25 -8.77 3.71
N ILE A 85 10.94 -8.71 3.53
CA ILE A 85 10.38 -8.22 2.26
C ILE A 85 10.85 -6.80 1.98
N LEU A 86 10.67 -5.89 2.94
CA LEU A 86 11.02 -4.49 2.69
C LEU A 86 12.52 -4.35 2.44
N LYS A 87 13.34 -5.07 3.23
CA LYS A 87 14.78 -4.98 3.05
C LYS A 87 15.21 -5.43 1.66
N SER A 88 14.48 -6.38 1.06
CA SER A 88 14.82 -6.89 -0.26
C SER A 88 14.46 -5.92 -1.38
N LEU A 89 13.75 -4.85 -1.09
CA LEU A 89 13.26 -3.93 -2.11
C LEU A 89 14.10 -2.67 -2.14
N GLN A 90 14.54 -2.27 -3.35
CA GLN A 90 15.23 -1.00 -3.54
C GLN A 90 14.71 -0.37 -4.82
N HIS A 91 13.85 0.64 -4.70
CA HIS A 91 13.22 1.26 -5.86
C HIS A 91 12.78 2.65 -5.47
N ASP A 92 12.80 3.56 -6.46
CA ASP A 92 12.44 4.94 -6.21
C ASP A 92 11.04 5.10 -5.64
N ASN A 93 10.13 4.19 -5.95
CA ASN A 93 8.73 4.31 -5.53
C ASN A 93 8.36 3.28 -4.46
N ILE A 94 9.34 2.83 -3.68
CA ILE A 94 9.15 1.96 -2.52
CA ILE A 94 9.14 1.97 -2.52
C ILE A 94 9.84 2.63 -1.34
N VAL A 95 9.12 2.78 -0.21
CA VAL A 95 9.73 3.40 0.96
C VAL A 95 11.03 2.68 1.31
N LYS A 96 12.06 3.47 1.62
CA LYS A 96 13.41 2.93 1.78
CA LYS A 96 13.41 2.91 1.77
C LYS A 96 13.58 2.24 3.14
N TYR A 97 13.97 0.98 3.12
CA TYR A 97 14.37 0.28 4.32
C TYR A 97 15.67 0.85 4.84
N LYS A 98 15.77 1.03 6.16
CA LYS A 98 17.02 1.45 6.76
CA LYS A 98 16.99 1.48 6.80
C LYS A 98 17.62 0.42 7.70
N GLY A 99 16.82 -0.30 8.47
CA GLY A 99 17.39 -1.27 9.37
C GLY A 99 16.34 -1.72 10.36
N VAL A 100 16.82 -2.34 11.44
CA VAL A 100 15.96 -2.78 12.53
CA VAL A 100 15.98 -2.81 12.54
C VAL A 100 16.58 -2.29 13.84
N CYS A 101 15.73 -2.00 14.80
CA CYS A 101 16.17 -1.70 16.15
C CYS A 101 15.71 -2.84 17.05
N TYR A 102 16.65 -3.51 17.70
CA TYR A 102 16.33 -4.59 18.63
C TYR A 102 16.28 -3.97 20.03
N SER A 103 15.13 -3.39 20.35
CA SER A 103 14.96 -2.63 21.57
C SER A 103 14.58 -3.57 22.72
N ALA A 104 14.28 -2.97 23.87
CA ALA A 104 14.04 -3.73 25.10
C ALA A 104 15.21 -4.66 25.39
N GLY A 105 16.43 -4.17 25.16
CA GLY A 105 17.60 -5.00 25.42
C GLY A 105 17.69 -6.17 24.48
N ARG A 106 17.31 -5.97 23.22
CA ARG A 106 17.33 -6.99 22.18
C ARG A 106 16.30 -8.09 22.39
N ARG A 107 15.17 -7.72 22.99
CA ARG A 107 14.05 -8.61 23.23
C ARG A 107 12.77 -8.10 22.55
N ASN A 108 12.92 -7.19 21.59
CA ASN A 108 11.80 -6.66 20.82
C ASN A 108 12.39 -6.26 19.48
N LEU A 109 11.53 -6.06 18.50
CA LEU A 109 11.94 -5.73 17.14
C LEU A 109 11.14 -4.54 16.65
N LYS A 110 11.83 -3.56 16.05
CA LYS A 110 11.21 -2.42 15.41
C LYS A 110 11.85 -2.21 14.05
N LEU A 111 11.03 -1.86 13.07
CA LEU A 111 11.48 -1.66 11.70
C LEU A 111 11.78 -0.19 11.45
N ILE A 112 12.97 0.10 10.94
CA ILE A 112 13.41 1.47 10.67
C ILE A 112 13.39 1.72 9.16
N MET A 113 12.72 2.81 8.77
CA MET A 113 12.54 3.20 7.37
CA MET A 113 12.65 3.18 7.35
C MET A 113 12.83 4.69 7.23
N GLU A 114 13.04 5.15 5.99
CA GLU A 114 13.11 6.59 5.79
C GLU A 114 11.77 7.23 6.17
N TYR A 115 11.82 8.51 6.48
CA TYR A 115 10.65 9.30 6.85
C TYR A 115 10.20 10.13 5.65
N LEU A 116 8.92 10.00 5.28
CA LEU A 116 8.36 10.76 4.17
C LEU A 116 7.39 11.81 4.72
N PRO A 117 7.62 13.10 4.49
CA PRO A 117 6.97 14.11 5.36
C PRO A 117 5.50 14.35 5.12
N TYR A 118 4.95 14.04 3.96
CA TYR A 118 3.56 14.39 3.69
C TYR A 118 2.58 13.26 3.99
N GLY A 119 3.03 12.18 4.57
CA GLY A 119 2.09 11.20 5.07
C GLY A 119 1.46 10.36 3.99
N SER A 120 0.29 9.80 4.31
CA SER A 120 -0.34 8.93 3.35
C SER A 120 -0.94 9.76 2.22
N LEU A 121 -0.98 9.14 1.04
CA LEU A 121 -1.61 9.80 -0.10
C LEU A 121 -3.09 10.05 0.16
N ARG A 122 -3.75 9.16 0.89
CA ARG A 122 -5.13 9.41 1.25
C ARG A 122 -5.28 10.73 2.00
N ASP A 123 -4.41 10.95 3.00
CA ASP A 123 -4.50 12.18 3.77
C ASP A 123 -4.08 13.38 2.95
N TYR A 124 -3.01 13.22 2.16
CA TYR A 124 -2.49 14.32 1.34
C TYR A 124 -3.53 14.81 0.34
N LEU A 125 -4.27 13.89 -0.29
CA LEU A 125 -5.31 14.29 -1.23
C LEU A 125 -6.39 15.12 -0.54
N GLN A 126 -6.71 14.79 0.72
CA GLN A 126 -7.73 15.53 1.46
C GLN A 126 -7.18 16.85 2.01
N LYS A 127 -5.92 16.85 2.45
CA LYS A 127 -5.37 18.02 3.14
C LYS A 127 -4.65 18.98 2.22
N HIS A 128 -4.24 18.56 1.02
CA HIS A 128 -3.40 19.37 0.17
C HIS A 128 -3.95 19.51 -1.25
N LYS A 129 -5.28 19.59 -1.37
CA LYS A 129 -5.87 19.79 -2.68
C LYS A 129 -5.35 21.05 -3.38
N GLU A 130 -4.86 22.04 -2.61
CA GLU A 130 -4.38 23.27 -3.23
C GLU A 130 -3.26 23.00 -4.22
N ARG A 131 -2.53 21.89 -4.05
CA ARG A 131 -1.37 21.62 -4.89
C ARG A 131 -1.55 20.35 -5.71
N ILE A 132 -2.80 19.92 -5.94
CA ILE A 132 -3.08 18.71 -6.71
C ILE A 132 -3.96 19.05 -7.90
N ASP A 133 -3.54 18.61 -9.08
CA ASP A 133 -4.31 18.67 -10.31
C ASP A 133 -4.18 17.33 -11.02
N HIS A 134 -4.80 17.20 -12.19
CA HIS A 134 -4.78 15.90 -12.85
C HIS A 134 -3.38 15.49 -13.26
N ILE A 135 -2.53 16.45 -13.63
CA ILE A 135 -1.15 16.10 -13.99
C ILE A 135 -0.48 15.40 -12.82
N LYS A 136 -0.64 15.96 -11.62
CA LYS A 136 -0.05 15.31 -10.44
C LYS A 136 -0.65 13.94 -10.21
N LEU A 137 -1.98 13.81 -10.34
CA LEU A 137 -2.58 12.50 -10.12
C LEU A 137 -2.03 11.47 -11.08
N LEU A 138 -1.80 11.86 -12.34
CA LEU A 138 -1.26 10.91 -13.32
C LEU A 138 0.19 10.57 -13.01
N GLN A 139 0.96 11.54 -12.50
CA GLN A 139 2.32 11.26 -12.06
C GLN A 139 2.32 10.24 -10.93
N TYR A 140 1.45 10.44 -9.94
CA TYR A 140 1.39 9.48 -8.83
C TYR A 140 0.97 8.11 -9.34
N THR A 141 -0.02 8.08 -10.24
CA THR A 141 -0.49 6.82 -10.83
C THR A 141 0.67 6.06 -11.46
N SER A 142 1.47 6.76 -12.26
CA SER A 142 2.61 6.18 -12.93
C SER A 142 3.61 5.62 -11.93
N GLN A 143 3.91 6.40 -10.89
CA GLN A 143 4.89 5.98 -9.89
C GLN A 143 4.43 4.74 -9.14
N ILE A 144 3.14 4.68 -8.81
CA ILE A 144 2.60 3.50 -8.14
C ILE A 144 2.72 2.28 -9.04
N CYS A 145 2.41 2.45 -10.31
CA CYS A 145 2.52 1.34 -11.25
CA CYS A 145 2.53 1.36 -11.27
C CYS A 145 3.96 0.83 -11.34
N LYS A 146 4.94 1.74 -11.33
CA LYS A 146 6.34 1.35 -11.45
C LYS A 146 6.81 0.61 -10.21
N GLY A 147 6.42 1.09 -9.02
CA GLY A 147 6.71 0.34 -7.80
C GLY A 147 6.13 -1.05 -7.85
N MET A 148 4.91 -1.18 -8.38
CA MET A 148 4.28 -2.48 -8.48
C MET A 148 4.90 -3.36 -9.56
N GLU A 149 5.36 -2.78 -10.66
CA GLU A 149 6.17 -3.57 -11.61
C GLU A 149 7.35 -4.21 -10.87
N TYR A 150 8.02 -3.42 -10.05
CA TYR A 150 9.19 -3.90 -9.31
C TYR A 150 8.79 -5.02 -8.36
N LEU A 151 7.69 -4.87 -7.62
CA LEU A 151 7.27 -5.95 -6.74
CA LEU A 151 7.27 -5.94 -6.74
C LEU A 151 7.06 -7.24 -7.51
N GLY A 152 6.46 -7.16 -8.69
CA GLY A 152 6.22 -8.33 -9.48
C GLY A 152 7.50 -9.07 -9.86
N THR A 153 8.60 -8.34 -10.04
CA THR A 153 9.87 -9.00 -10.38
C THR A 153 10.37 -9.86 -9.23
N LYS A 154 9.94 -9.55 -8.01
CA LYS A 154 10.29 -10.31 -6.83
C LYS A 154 9.24 -11.37 -6.52
N ARG A 155 8.18 -11.45 -7.33
CA ARG A 155 7.05 -12.35 -7.10
C ARG A 155 6.34 -12.07 -5.77
N TYR A 156 6.29 -10.79 -5.41
CA TYR A 156 5.58 -10.36 -4.22
C TYR A 156 4.21 -9.83 -4.61
N ILE A 157 3.21 -10.21 -3.83
CA ILE A 157 1.82 -9.77 -3.98
C ILE A 157 1.53 -8.86 -2.80
N HIS A 158 1.19 -7.61 -3.09
CA HIS A 158 1.07 -6.63 -2.03
C HIS A 158 -0.14 -6.88 -1.14
N ARG A 159 -1.30 -7.11 -1.76
CA ARG A 159 -2.57 -7.46 -1.13
C ARG A 159 -3.26 -6.32 -0.40
N ASP A 160 -2.69 -5.13 -0.33
CA ASP A 160 -3.34 -4.03 0.38
C ASP A 160 -3.06 -2.72 -0.32
N LEU A 161 -3.09 -2.72 -1.64
CA LEU A 161 -2.83 -1.49 -2.36
CA LEU A 161 -2.85 -1.50 -2.38
C LEU A 161 -4.05 -0.59 -2.21
N ALA A 162 -3.83 0.60 -1.68
CA ALA A 162 -4.85 1.57 -1.33
C ALA A 162 -4.11 2.87 -1.03
N THR A 163 -4.77 4.01 -1.26
CA THR A 163 -4.05 5.26 -1.03
C THR A 163 -3.58 5.42 0.42
N ARG A 164 -4.22 4.77 1.39
CA ARG A 164 -3.77 4.87 2.78
C ARG A 164 -2.38 4.25 2.96
N ASN A 165 -1.96 3.37 2.05
CA ASN A 165 -0.69 2.65 2.14
C ASN A 165 0.36 3.18 1.18
N ILE A 166 0.08 4.28 0.51
CA ILE A 166 1.02 5.00 -0.33
CA ILE A 166 1.04 4.97 -0.31
C ILE A 166 1.42 6.23 0.43
N LEU A 167 2.70 6.58 0.42
CA LEU A 167 3.22 7.70 1.17
C LEU A 167 3.75 8.77 0.22
N VAL A 168 3.73 10.01 0.68
CA VAL A 168 4.08 11.16 -0.15
C VAL A 168 5.37 11.76 0.37
N GLU A 169 6.42 11.73 -0.48
CA GLU A 169 7.67 12.36 -0.12
C GLU A 169 7.63 13.87 -0.37
N ASN A 170 7.08 14.27 -1.51
CA ASN A 170 6.92 15.67 -1.89
C ASN A 170 5.88 15.69 -3.00
N GLU A 171 5.59 16.89 -3.50
CA GLU A 171 4.58 17.08 -4.53
CA GLU A 171 4.53 17.02 -4.49
C GLU A 171 4.83 16.23 -5.76
N ASN A 172 6.06 15.78 -5.96
CA ASN A 172 6.42 15.07 -7.18
C ASN A 172 6.82 13.61 -6.98
N ARG A 173 6.62 13.05 -5.78
CA ARG A 173 7.11 11.70 -5.52
CA ARG A 173 7.10 11.69 -5.54
C ARG A 173 6.27 11.02 -4.47
N VAL A 174 5.72 9.87 -4.83
CA VAL A 174 5.06 8.98 -3.89
C VAL A 174 5.77 7.63 -3.90
N LYS A 175 5.57 6.88 -2.81
CA LYS A 175 6.17 5.57 -2.65
C LYS A 175 5.21 4.63 -1.96
N ILE A 176 5.19 3.38 -2.39
N ILE A 176 5.22 3.37 -2.39
CA ILE A 176 4.44 2.36 -1.65
CA ILE A 176 4.42 2.34 -1.75
C ILE A 176 5.09 2.21 -0.28
C ILE A 176 5.03 2.02 -0.39
N GLY A 177 4.29 2.39 0.77
N GLY A 177 4.17 1.87 0.60
CA GLY A 177 4.82 2.69 2.08
CA GLY A 177 4.60 1.44 1.91
C GLY A 177 4.61 1.67 3.18
C GLY A 177 3.73 0.32 2.41
N ASP A 178 3.90 0.59 2.86
N ASP A 178 3.79 0.08 3.71
CA ASP A 178 3.64 -0.45 3.84
CA ASP A 178 2.99 -0.92 4.42
C ASP A 178 3.48 -1.80 3.13
C ASP A 178 2.95 -2.26 3.70
N PHE A 179 3.89 -2.89 3.84
N PHE A 179 4.03 -3.02 3.81
CA PHE A 179 3.99 -4.23 3.28
CA PHE A 179 4.05 -4.38 3.28
C PHE A 179 3.52 -5.31 4.25
C PHE A 179 3.55 -5.38 4.29
N GLY A 180 2.69 -4.95 5.23
CA GLY A 180 2.25 -5.87 6.27
C GLY A 180 1.40 -7.03 5.80
N LEU A 181 0.75 -6.93 4.64
CA LEU A 181 -0.02 -8.06 4.11
C LEU A 181 0.65 -8.76 2.94
N THR A 182 1.85 -8.33 2.57
CA THR A 182 2.50 -8.82 1.35
C THR A 182 2.89 -10.29 1.51
N LYS A 183 2.68 -11.05 0.45
CA LYS A 183 2.99 -12.47 0.38
C LYS A 183 3.91 -12.75 -0.80
N VAL A 184 4.69 -13.82 -0.70
CA VAL A 184 5.57 -14.26 -1.77
C VAL A 184 4.92 -15.43 -2.49
N LEU A 185 4.81 -15.33 -3.80
CA LEU A 185 4.19 -16.42 -4.54
C LEU A 185 4.96 -17.71 -4.30
N PRO A 186 4.28 -18.85 -4.23
CA PRO A 186 4.99 -20.13 -4.29
C PRO A 186 5.76 -20.22 -5.61
N GLN A 187 6.79 -21.06 -5.61
CA GLN A 187 7.64 -21.19 -6.80
C GLN A 187 6.84 -21.61 -8.02
N ASP A 188 5.84 -22.48 -7.85
CA ASP A 188 5.19 -23.16 -8.96
C ASP A 188 3.75 -22.69 -9.19
N LYS A 189 3.37 -21.55 -8.64
CA LYS A 189 2.00 -21.06 -8.79
C LYS A 189 2.04 -19.56 -9.04
N GLU A 190 1.01 -19.07 -9.72
CA GLU A 190 0.89 -17.64 -10.02
C GLU A 190 -0.09 -16.95 -9.08
N PTR A 191 -0.53 -17.69 -8.05
CA PTR A 191 -1.35 -17.08 -7.02
C PTR A 191 -0.94 -17.62 -5.66
O PTR A 191 -0.31 -18.69 -5.56
CB PTR A 191 -2.83 -17.31 -7.25
CG PTR A 191 -3.22 -18.77 -7.19
CD1 PTR A 191 -3.55 -19.37 -5.98
CD2 PTR A 191 -3.25 -19.54 -8.33
CE1 PTR A 191 -3.90 -20.70 -5.92
CE2 PTR A 191 -3.60 -20.87 -8.28
CZ PTR A 191 -3.93 -21.45 -7.08
OH PTR A 191 -4.25 -22.71 -6.99
P PTR A 191 -5.30 -23.44 -7.98
O1P PTR A 191 -4.59 -23.78 -9.31
O2P PTR A 191 -6.51 -22.53 -8.27
O3P PTR A 191 -5.75 -24.68 -7.31
HA PTR A 191 -1.23 -16.10 -7.06
HB2 PTR A 191 -3.08 -16.97 -8.12
HB3 PTR A 191 -3.34 -16.84 -6.55
HD1 PTR A 191 -3.53 -18.85 -5.20
HD2 PTR A 191 -3.03 -19.16 -9.15
HE1 PTR A 191 -4.11 -21.09 -5.10
HE2 PTR A 191 -3.62 -21.39 -9.06
N PTR A 192 -1.27 -16.87 -4.62
CA PTR A 192 -1.05 -17.25 -3.24
C PTR A 192 -2.45 -17.41 -2.64
O PTR A 192 -3.25 -16.47 -2.69
CB PTR A 192 -0.27 -16.19 -2.46
CG PTR A 192 0.21 -16.75 -1.14
CD1 PTR A 192 -0.63 -16.81 -0.04
CD2 PTR A 192 1.49 -17.24 -1.01
CE1 PTR A 192 -0.20 -17.34 1.16
CE2 PTR A 192 1.93 -17.78 0.19
CZ PTR A 192 1.10 -17.81 1.28
OH PTR A 192 1.53 -18.39 2.38
P PTR A 192 1.97 -17.81 3.81
O1P PTR A 192 3.28 -17.00 3.64
O2P PTR A 192 2.22 -18.96 4.81
O3P PTR A 192 0.87 -16.97 4.31
HA PTR A 192 -0.51 -18.06 -3.17
HB2 PTR A 192 -0.84 -15.43 -2.28
HB3 PTR A 192 0.50 -15.91 -2.97
HD1 PTR A 192 -1.50 -16.48 -0.11
HD2 PTR A 192 2.07 -17.21 -1.73
HE1 PTR A 192 -0.78 -17.39 1.89
HE2 PTR A 192 2.79 -18.12 0.25
N LYS A 193 -2.75 -18.57 -2.09
CA LYS A 193 -4.03 -18.76 -1.41
C LYS A 193 -3.82 -18.51 0.07
N VAL A 194 -4.44 -17.45 0.58
CA VAL A 194 -4.25 -17.07 1.98
C VAL A 194 -5.14 -17.95 2.82
N LYS A 195 -4.54 -18.71 3.74
CA LYS A 195 -5.26 -19.71 4.51
C LYS A 195 -5.19 -19.41 6.01
N GLU A 196 -5.18 -18.13 6.35
CA GLU A 196 -5.30 -17.71 7.74
C GLU A 196 -5.89 -16.32 7.85
N PRO A 197 -6.85 -15.94 6.99
CA PRO A 197 -7.19 -14.52 6.86
C PRO A 197 -7.42 -13.83 8.19
N GLY A 198 -7.00 -12.57 8.25
CA GLY A 198 -7.36 -11.70 9.33
C GLY A 198 -8.36 -10.67 8.86
N GLU A 199 -8.13 -9.40 9.18
CA GLU A 199 -9.00 -8.33 8.72
C GLU A 199 -8.69 -8.04 7.26
N SER A 200 -9.72 -8.02 6.42
CA SER A 200 -9.56 -7.96 4.98
C SER A 200 -10.10 -6.65 4.43
N PRO A 201 -9.33 -5.92 3.60
CA PRO A 201 -9.86 -4.68 3.01
C PRO A 201 -10.79 -4.97 1.83
N ILE A 202 -12.00 -5.46 2.15
CA ILE A 202 -12.86 -6.09 1.14
C ILE A 202 -13.19 -5.16 -0.01
N PHE A 203 -13.29 -3.85 0.22
CA PHE A 203 -13.72 -2.94 -0.84
C PHE A 203 -12.62 -2.65 -1.85
N TRP A 204 -11.41 -3.18 -1.64
CA TRP A 204 -10.32 -3.14 -2.60
C TRP A 204 -10.06 -4.49 -3.24
N TYR A 205 -10.78 -5.54 -2.81
CA TYR A 205 -10.46 -6.90 -3.23
C TYR A 205 -11.06 -7.26 -4.58
N ALA A 206 -10.30 -8.01 -5.36
CA ALA A 206 -10.79 -8.62 -6.57
C ALA A 206 -11.79 -9.71 -6.22
N PRO A 207 -12.70 -10.02 -7.14
CA PRO A 207 -13.73 -11.03 -6.83
C PRO A 207 -13.15 -12.38 -6.44
N GLU A 208 -12.10 -12.84 -7.11
CA GLU A 208 -11.53 -14.15 -6.78
C GLU A 208 -10.81 -14.13 -5.44
N SER A 209 -10.41 -12.94 -4.97
CA SER A 209 -9.88 -12.85 -3.61
C SER A 209 -11.00 -12.97 -2.59
N LEU A 210 -12.14 -12.34 -2.88
CA LEU A 210 -13.31 -12.44 -2.00
C LEU A 210 -13.87 -13.86 -1.95
N THR A 211 -13.89 -14.56 -3.08
CA THR A 211 -14.57 -15.85 -3.13
C THR A 211 -13.65 -17.05 -2.94
N GLU A 212 -12.35 -16.92 -3.22
CA GLU A 212 -11.43 -18.04 -3.15
C GLU A 212 -10.17 -17.75 -2.37
N SER A 213 -10.03 -16.55 -1.81
CA SER A 213 -8.83 -16.16 -1.07
C SER A 213 -7.57 -16.26 -1.92
N LYS A 214 -7.71 -16.05 -3.23
CA LYS A 214 -6.60 -16.13 -4.17
C LYS A 214 -6.09 -14.74 -4.49
N PHE A 215 -4.79 -14.54 -4.29
CA PHE A 215 -4.13 -13.27 -4.52
C PHE A 215 -3.00 -13.45 -5.51
N SER A 216 -2.86 -12.48 -6.40
CA SER A 216 -1.93 -12.59 -7.51
C SER A 216 -1.54 -11.20 -7.97
N VAL A 217 -0.60 -11.14 -8.90
CA VAL A 217 -0.32 -9.84 -9.50
C VAL A 217 -1.61 -9.23 -10.05
N ALA A 218 -2.44 -10.05 -10.68
CA ALA A 218 -3.68 -9.57 -11.27
C ALA A 218 -4.67 -9.05 -10.24
N SER A 219 -4.70 -9.62 -9.02
CA SER A 219 -5.55 -9.02 -8.00
C SER A 219 -4.97 -7.72 -7.47
N ASP A 220 -3.63 -7.59 -7.46
CA ASP A 220 -3.06 -6.28 -7.17
C ASP A 220 -3.46 -5.26 -8.25
N VAL A 221 -3.54 -5.69 -9.52
CA VAL A 221 -4.00 -4.78 -10.57
C VAL A 221 -5.44 -4.33 -10.33
N TRP A 222 -6.33 -5.25 -9.95
CA TRP A 222 -7.69 -4.89 -9.55
C TRP A 222 -7.67 -3.80 -8.47
N SER A 223 -6.89 -4.02 -7.41
CA SER A 223 -6.83 -3.04 -6.34
C SER A 223 -6.26 -1.71 -6.83
N PHE A 224 -5.26 -1.78 -7.72
CA PHE A 224 -4.74 -0.55 -8.33
C PHE A 224 -5.85 0.22 -9.03
N GLY A 225 -6.79 -0.47 -9.67
CA GLY A 225 -7.91 0.23 -10.26
C GLY A 225 -8.69 1.02 -9.23
N VAL A 226 -8.86 0.45 -8.03
CA VAL A 226 -9.51 1.16 -6.94
C VAL A 226 -8.66 2.34 -6.48
N VAL A 227 -7.34 2.17 -6.39
CA VAL A 227 -6.46 3.31 -6.09
C VAL A 227 -6.68 4.45 -7.07
N LEU A 228 -6.74 4.11 -8.36
CA LEU A 228 -6.91 5.15 -9.38
C LEU A 228 -8.24 5.88 -9.19
N TYR A 229 -9.29 5.12 -8.87
CA TYR A 229 -10.58 5.70 -8.49
C TYR A 229 -10.40 6.64 -7.30
N GLU A 230 -9.70 6.18 -6.25
CA GLU A 230 -9.51 7.02 -5.08
C GLU A 230 -8.86 8.35 -5.46
N LEU A 231 -7.80 8.29 -6.27
CA LEU A 231 -7.10 9.49 -6.66
C LEU A 231 -8.06 10.51 -7.28
N PHE A 232 -8.91 10.06 -8.21
CA PHE A 232 -9.78 10.97 -8.95
C PHE A 232 -11.02 11.38 -8.16
N THR A 233 -11.38 10.69 -7.09
CA THR A 233 -12.42 11.22 -6.21
CA THR A 233 -12.44 11.23 -6.23
C THR A 233 -11.89 12.28 -5.26
N TYR A 234 -10.56 12.44 -5.21
CA TYR A 234 -9.87 13.46 -4.41
C TYR A 234 -10.14 13.30 -2.93
N ILE A 235 -10.47 12.06 -2.56
CA ILE A 235 -10.91 11.62 -1.23
C ILE A 235 -12.10 12.45 -0.77
N GLU A 236 -13.02 12.72 -1.70
CA GLU A 236 -14.21 13.50 -1.41
C GLU A 236 -15.12 12.74 -0.47
N LYS A 237 -15.61 13.44 0.55
CA LYS A 237 -16.57 12.85 1.47
C LYS A 237 -17.72 12.24 0.69
N SER A 238 -18.05 10.99 1.03
CA SER A 238 -19.15 10.23 0.49
C SER A 238 -18.72 9.53 -0.80
N LYS A 239 -17.49 9.72 -1.27
CA LYS A 239 -17.05 9.12 -2.51
C LYS A 239 -16.06 7.98 -2.33
N SER A 240 -15.66 7.67 -1.09
CA SER A 240 -14.67 6.62 -0.89
C SER A 240 -15.23 5.28 -1.36
N PRO A 241 -14.36 4.31 -1.65
CA PRO A 241 -14.88 3.00 -2.10
C PRO A 241 -15.83 2.38 -1.09
N PRO A 242 -15.53 2.38 0.22
CA PRO A 242 -16.53 1.82 1.16
C PRO A 242 -17.85 2.56 1.13
N ALA A 243 -17.84 3.90 1.09
CA ALA A 243 -19.11 4.62 1.09
C ALA A 243 -19.90 4.36 -0.17
N GLU A 244 -19.22 4.31 -1.32
CA GLU A 244 -19.90 4.12 -2.59
CA GLU A 244 -19.90 4.12 -2.59
C GLU A 244 -20.45 2.70 -2.72
N PHE A 245 -19.64 1.70 -2.37
CA PHE A 245 -20.16 0.34 -2.40
C PHE A 245 -21.32 0.18 -1.44
N MET A 246 -21.24 0.77 -0.24
CA MET A 246 -22.34 0.64 0.71
C MET A 246 -23.60 1.31 0.18
N ARG A 247 -23.46 2.45 -0.51
CA ARG A 247 -24.64 3.08 -1.11
C ARG A 247 -25.26 2.16 -2.15
N MET A 248 -24.43 1.49 -2.95
CA MET A 248 -24.94 0.61 -4.00
C MET A 248 -25.59 -0.64 -3.41
N ILE A 249 -25.02 -1.18 -2.34
CA ILE A 249 -25.59 -2.41 -1.83
CA ILE A 249 -25.48 -2.40 -1.69
C ILE A 249 -26.73 -2.15 -0.85
N GLY A 250 -26.77 -0.97 -0.24
CA GLY A 250 -27.78 -0.64 0.75
C GLY A 250 -27.12 -0.28 2.06
N ASN A 251 -27.23 0.99 2.45
CA ASN A 251 -26.46 1.49 3.58
C ASN A 251 -26.81 0.82 4.89
N ASP A 252 -28.00 0.25 5.01
CA ASP A 252 -28.43 -0.39 6.25
C ASP A 252 -27.85 -1.78 6.44
N LYS A 253 -27.21 -2.35 5.42
CA LYS A 253 -26.71 -3.72 5.55
C LYS A 253 -25.55 -3.78 6.52
N GLN A 254 -25.47 -4.91 7.23
CA GLN A 254 -24.49 -5.12 8.28
C GLN A 254 -23.93 -6.53 8.16
N GLY A 255 -22.70 -6.71 8.66
CA GLY A 255 -22.10 -8.01 8.76
C GLY A 255 -21.92 -8.70 7.42
N GLN A 256 -22.08 -10.03 7.44
CA GLN A 256 -21.78 -10.83 6.26
C GLN A 256 -22.67 -10.47 5.09
N MET A 257 -23.86 -9.95 5.35
CA MET A 257 -24.73 -9.53 4.26
C MET A 257 -24.00 -8.56 3.35
N ILE A 258 -23.15 -7.70 3.92
CA ILE A 258 -22.37 -6.77 3.10
C ILE A 258 -21.50 -7.54 2.11
N VAL A 259 -20.79 -8.56 2.61
CA VAL A 259 -19.90 -9.33 1.76
C VAL A 259 -20.68 -10.08 0.69
N PHE A 260 -21.81 -10.70 1.07
CA PHE A 260 -22.61 -11.43 0.12
C PHE A 260 -23.03 -10.53 -1.04
N HIS A 261 -23.51 -9.33 -0.71
CA HIS A 261 -23.99 -8.41 -1.73
C HIS A 261 -22.85 -7.83 -2.54
N LEU A 262 -21.71 -7.54 -1.89
CA LEU A 262 -20.53 -7.07 -2.63
C LEU A 262 -20.10 -8.08 -3.67
N ILE A 263 -19.98 -9.35 -3.26
CA ILE A 263 -19.60 -10.39 -4.21
C ILE A 263 -20.57 -10.46 -5.36
N GLU A 264 -21.88 -10.52 -5.06
CA GLU A 264 -22.88 -10.68 -6.10
C GLU A 264 -22.85 -9.48 -7.05
N LEU A 265 -22.72 -8.28 -6.49
CA LEU A 265 -22.62 -7.06 -7.30
CA LEU A 265 -22.61 -7.06 -7.30
C LEU A 265 -21.42 -7.14 -8.24
N LEU A 266 -20.25 -7.45 -7.71
CA LEU A 266 -19.04 -7.45 -8.55
C LEU A 266 -19.11 -8.53 -9.62
N LYS A 267 -19.62 -9.70 -9.29
CA LYS A 267 -19.65 -10.81 -10.23
C LYS A 267 -20.49 -10.47 -11.43
N ASN A 268 -21.48 -9.60 -11.27
CA ASN A 268 -22.39 -9.22 -12.35
C ASN A 268 -22.18 -7.78 -12.81
N ASN A 269 -20.94 -7.30 -12.69
CA ASN A 269 -20.47 -6.09 -13.35
C ASN A 269 -20.84 -4.80 -12.65
N GLY A 270 -21.30 -4.83 -11.40
CA GLY A 270 -21.43 -3.61 -10.65
C GLY A 270 -20.06 -3.05 -10.34
N ARG A 271 -19.94 -1.73 -10.47
CA ARG A 271 -18.65 -1.09 -10.33
C ARG A 271 -18.83 0.30 -9.73
N LEU A 272 -17.76 0.78 -9.09
CA LEU A 272 -17.69 2.15 -8.67
C LEU A 272 -17.92 3.07 -9.86
N PRO A 273 -18.55 4.22 -9.65
CA PRO A 273 -18.89 5.13 -10.74
C PRO A 273 -17.67 5.93 -11.18
N ARG A 274 -17.79 6.56 -12.33
CA ARG A 274 -16.74 7.47 -12.79
C ARG A 274 -16.75 8.69 -11.87
N PRO A 275 -15.63 9.04 -11.24
CA PRO A 275 -15.64 10.25 -10.40
C PRO A 275 -15.96 11.48 -11.21
N ASP A 276 -16.57 12.46 -10.53
CA ASP A 276 -16.82 13.74 -11.14
CA ASP A 276 -16.82 13.74 -11.14
C ASP A 276 -15.51 14.33 -11.66
N GLY A 277 -15.52 14.79 -12.91
CA GLY A 277 -14.34 15.38 -13.50
C GLY A 277 -13.32 14.40 -14.05
N CYS A 278 -13.53 13.12 -13.85
CA CYS A 278 -12.55 12.14 -14.30
C CYS A 278 -12.66 11.96 -15.80
N PRO A 279 -11.57 12.07 -16.55
CA PRO A 279 -11.66 11.83 -17.99
C PRO A 279 -12.11 10.40 -18.30
N ASP A 280 -12.86 10.28 -19.39
CA ASP A 280 -13.33 8.97 -19.83
C ASP A 280 -12.17 7.99 -19.99
N GLU A 281 -11.03 8.46 -20.48
CA GLU A 281 -9.92 7.57 -20.75
C GLU A 281 -9.30 7.01 -19.47
N ILE A 282 -9.30 7.82 -18.39
CA ILE A 282 -8.81 7.34 -17.10
C ILE A 282 -9.82 6.37 -16.48
N TYR A 283 -11.13 6.67 -16.61
CA TYR A 283 -12.14 5.71 -16.14
C TYR A 283 -12.02 4.41 -16.92
N MET A 284 -11.67 4.46 -18.20
CA MET A 284 -11.49 3.24 -18.96
C MET A 284 -10.37 2.38 -18.37
N ILE A 285 -9.27 3.02 -17.94
CA ILE A 285 -8.21 2.27 -17.29
C ILE A 285 -8.75 1.57 -16.04
N MET A 286 -9.51 2.30 -15.24
CA MET A 286 -10.10 1.68 -14.05
C MET A 286 -10.92 0.46 -14.43
N THR A 287 -11.80 0.60 -15.41
CA THR A 287 -12.70 -0.50 -15.70
C THR A 287 -11.96 -1.69 -16.32
N GLU A 288 -10.85 -1.45 -17.03
CA GLU A 288 -10.06 -2.57 -17.54
C GLU A 288 -9.33 -3.30 -16.42
N CYS A 289 -8.93 -2.58 -15.38
CA CYS A 289 -8.35 -3.24 -14.21
C CYS A 289 -9.40 -4.08 -13.50
N TRP A 290 -10.64 -3.62 -13.50
CA TRP A 290 -11.75 -4.30 -12.82
C TRP A 290 -12.41 -5.31 -13.74
N ASN A 291 -11.63 -6.21 -14.31
CA ASN A 291 -12.15 -7.28 -15.15
C ASN A 291 -12.29 -8.54 -14.30
N ASN A 292 -13.47 -9.15 -14.31
CA ASN A 292 -13.61 -10.40 -13.56
C ASN A 292 -12.73 -11.50 -14.13
N ASN A 293 -12.37 -11.40 -15.42
CA ASN A 293 -11.48 -12.37 -16.05
CA ASN A 293 -11.48 -12.36 -16.04
C ASN A 293 -10.05 -11.96 -15.68
N VAL A 294 -9.45 -12.75 -14.79
CA VAL A 294 -8.14 -12.41 -14.21
C VAL A 294 -7.09 -12.20 -15.30
N ASN A 295 -7.05 -13.08 -16.29
CA ASN A 295 -6.00 -13.01 -17.31
C ASN A 295 -6.16 -11.84 -18.26
N GLN A 296 -7.35 -11.25 -18.34
CA GLN A 296 -7.58 -10.10 -19.21
C GLN A 296 -7.21 -8.77 -18.58
N ARG A 297 -6.94 -8.72 -17.27
CA ARG A 297 -6.49 -7.48 -16.67
C ARG A 297 -5.15 -7.08 -17.27
N PRO A 298 -4.91 -5.79 -17.48
CA PRO A 298 -3.60 -5.34 -17.96
C PRO A 298 -2.52 -5.64 -16.93
N SER A 299 -1.28 -5.63 -17.40
CA SER A 299 -0.14 -5.72 -16.49
C SER A 299 0.22 -4.34 -15.97
N PHE A 300 1.01 -4.31 -14.90
CA PHE A 300 1.51 -3.04 -14.41
C PHE A 300 2.43 -2.36 -15.44
N ARG A 301 3.15 -3.13 -16.24
CA ARG A 301 3.96 -2.55 -17.31
C ARG A 301 3.08 -1.90 -18.37
N ASP A 302 1.99 -2.58 -18.75
CA ASP A 302 1.03 -1.99 -19.70
C ASP A 302 0.53 -0.67 -19.14
N LEU A 303 0.18 -0.66 -17.86
CA LEU A 303 -0.45 0.51 -17.24
C LEU A 303 0.52 1.68 -17.14
N ALA A 304 1.75 1.43 -16.70
CA ALA A 304 2.73 2.51 -16.62
C ALA A 304 2.97 3.14 -17.98
N LEU A 305 3.10 2.31 -19.02
CA LEU A 305 3.31 2.85 -20.36
C LEU A 305 2.11 3.66 -20.82
N ARG A 306 0.89 3.15 -20.62
CA ARG A 306 -0.29 3.86 -21.08
C ARG A 306 -0.43 5.19 -20.35
N VAL A 307 -0.23 5.19 -19.04
CA VAL A 307 -0.35 6.43 -18.26
C VAL A 307 0.73 7.41 -18.67
N ASP A 308 1.97 6.95 -18.85
CA ASP A 308 3.03 7.86 -19.25
C ASP A 308 2.82 8.38 -20.66
N GLN A 309 2.21 7.59 -21.55
CA GLN A 309 1.89 8.09 -22.88
C GLN A 309 0.80 9.15 -22.81
N ILE A 310 -0.23 8.94 -22.00
CA ILE A 310 -1.25 9.98 -21.79
C ILE A 310 -0.60 11.27 -21.31
N ARG A 311 0.28 11.17 -20.31
CA ARG A 311 0.94 12.36 -19.78
C ARG A 311 1.77 13.03 -20.86
N ASP A 312 2.52 12.24 -21.61
CA ASP A 312 3.45 12.77 -22.60
C ASP A 312 2.74 13.35 -23.80
N ASN A 313 1.55 12.85 -24.11
CA ASN A 313 0.82 13.34 -25.27
C ASN A 313 0.14 14.67 -25.01
N MET A 314 0.07 15.12 -23.77
CA MET A 314 -0.40 16.48 -23.51
C MET A 314 0.55 17.49 -24.14
N ALA A 315 0.03 18.69 -24.40
CA ALA A 315 0.84 19.75 -24.96
C ALA A 315 1.96 20.11 -23.99
N GLY A 316 3.16 20.33 -24.52
CA GLY A 316 4.32 20.71 -23.72
C GLY A 316 5.32 19.60 -23.46
O23 C87 B . 0.43 2.71 9.62
C22 C87 B . 1.25 2.33 8.86
N24 C87 B . 1.26 0.98 8.35
C25 C87 B . 0.24 0.08 8.82
C26 C87 B . 0.61 -0.34 10.25
N27 C87 B . 0.86 -0.63 11.31
C19 C87 B . 2.36 3.24 8.38
C18 C87 B . 2.34 4.54 8.81
C17 C87 B . 3.35 5.38 8.41
C16 C87 B . 4.40 4.92 7.64
C21 C87 B . 4.42 3.62 7.18
C20 C87 B . 3.41 2.76 7.59
C12 C87 B . 5.44 5.94 7.22
C11 C87 B . 6.69 5.66 6.73
C10 C87 B . 7.51 6.68 6.35
N15 C87 B . 7.10 7.94 6.49
C14 C87 B . 5.88 8.16 6.99
N13 C87 B . 5.07 7.17 7.36
N7 C87 B . 5.47 9.53 7.15
C1 C87 B . 4.23 10.01 7.69
C2 C87 B . 4.16 11.39 7.76
C3 C87 B . 3.00 11.99 8.22
C4 C87 B . 1.95 11.19 8.64
C5 C87 B . 2.02 9.81 8.55
C6 C87 B . 3.17 9.21 8.08
N8 C87 B . 0.71 11.77 9.11
C28 C87 B . 0.65 13.20 8.97
C29 C87 B . -0.75 13.70 9.31
O30 C87 B . -1.18 13.25 10.59
C31 C87 B . -1.14 11.83 10.68
C9 C87 B . 0.25 11.26 10.36
H1 C87 B . 1.96 0.69 7.70
H2 C87 B . 0.21 -0.80 8.18
H3 C87 B . -0.72 0.57 8.81
H4 C87 B . 1.54 4.90 9.45
H5 C87 B . 3.32 6.43 8.71
H6 C87 B . 5.20 3.27 6.52
H7 C87 B . 3.42 1.72 7.29
H8 C87 B . 7.01 4.63 6.63
H9 C87 B . 8.50 6.47 5.96
H10 C87 B . 6.13 10.23 6.85
H11 C87 B . 5.00 12.00 7.45
H12 C87 B . 2.93 13.06 8.27
H13 C87 B . 1.18 9.21 8.84
H14 C87 B . 3.24 8.14 8.01
H15 C87 B . 0.90 13.47 7.95
H16 C87 B . 1.37 13.64 9.65
H17 C87 B . -0.73 14.79 9.31
H18 C87 B . -1.44 13.35 8.55
H19 C87 B . -1.41 11.53 11.69
H20 C87 B . -1.86 11.40 9.98
H21 C87 B . 0.93 11.55 11.14
H22 C87 B . 0.19 10.18 10.30
C1 MLI C . 17.29 -3.30 -7.09
C2 MLI C . 17.08 -4.80 -7.26
C3 MLI C . 18.62 -3.09 -6.39
O6 MLI C . 17.83 -5.43 -8.06
O7 MLI C . 16.22 -5.43 -6.59
O8 MLI C . 19.43 -2.18 -6.74
O9 MLI C . 18.93 -3.86 -5.45
H11 MLI C . 16.48 -2.88 -6.49
H12 MLI C . 17.29 -2.81 -8.07
#